data_1C11
#
_entry.id   1C11
#
_cell.length_a   1.000
_cell.length_b   1.000
_cell.length_c   1.000
_cell.angle_alpha   90.00
_cell.angle_beta   90.00
_cell.angle_gamma   90.00
#
_symmetry.space_group_name_H-M   'P 1'
#
_entity_poly.entity_id   1
_entity_poly.type   'polydeoxyribonucleotide'
_entity_poly.pdbx_seq_one_letter_code
;(DT)(DC)(DC)(DC)(DG)(DT)(DT)(DT)(DC)(DC)(DA)
;
_entity_poly.pdbx_strand_id   A,B
#
loop_
_chem_comp.id
_chem_comp.type
_chem_comp.name
_chem_comp.formula
DA DNA linking 2'-DEOXYADENOSINE-5'-MONOPHOSPHATE 'C10 H14 N5 O6 P'
DC DNA linking 2'-DEOXYCYTIDINE-5'-MONOPHOSPHATE 'C9 H14 N3 O7 P'
DG DNA linking 2'-DEOXYGUANOSINE-5'-MONOPHOSPHATE 'C10 H14 N5 O7 P'
DT DNA linking THYMIDINE-5'-MONOPHOSPHATE 'C10 H15 N2 O8 P'
#